data_3LJR
#
_entry.id   3LJR
#
_cell.length_a   94.065
_cell.length_b   94.065
_cell.length_c   120.800
_cell.angle_alpha   90.00
_cell.angle_beta   90.00
_cell.angle_gamma   120.00
#
_symmetry.space_group_name_H-M   'P 31 2 1'
#
loop_
_entity.id
_entity.type
_entity.pdbx_description
1 polymer 'GLUTATHIONE S-TRANSFERASE'
2 non-polymer 'SULFATE ION'
3 non-polymer '1-MENAPHTHYL GLUTATHIONE CONJUGATE'
4 water water
#
_entity_poly.entity_id   1
_entity_poly.type   'polypeptide(L)'
_entity_poly.pdbx_seq_one_letter_code
;MGLELFLDLVSQPSRAVYIFAKKNGIPLELRTVDLVKGQHKSKEFLQINSLGKLPTLKDGDFILTESSAILIYLSCKYQT
PDHWYPSDLQARARVHEYLGWHADCIRGTFGIPLWVQVLGPLIGVQVPEEKVERNRTAMDQALQWLEDKFLGDRPFLAGQ
QVTLADLMALEELMQPVALGYELFEGRPRLAAWRGRVEAFLGAELCQEAHSIILSILEQAAKKTLPTPSPEAYQAMLLRI
ARIP
;
_entity_poly.pdbx_strand_id   A,B
#
# COMPACT_ATOMS: atom_id res chain seq x y z
N MET A 1 17.61 -20.61 -15.98
CA MET A 1 16.40 -20.60 -15.11
C MET A 1 15.15 -20.33 -15.95
N GLY A 2 15.00 -19.13 -16.47
CA GLY A 2 13.82 -18.85 -17.27
C GLY A 2 12.54 -18.85 -16.46
N LEU A 3 12.50 -18.03 -15.42
CA LEU A 3 11.29 -17.92 -14.60
C LEU A 3 10.39 -17.03 -15.44
N GLU A 4 9.14 -17.43 -15.56
CA GLU A 4 8.15 -16.71 -16.36
C GLU A 4 7.60 -15.45 -15.70
N LEU A 5 7.40 -14.40 -16.51
CA LEU A 5 6.85 -13.16 -15.98
C LEU A 5 5.57 -12.74 -16.70
N PHE A 6 4.41 -13.08 -16.12
CA PHE A 6 3.12 -12.76 -16.70
C PHE A 6 2.68 -11.33 -16.43
N LEU A 7 2.59 -10.51 -17.48
CA LEU A 7 2.19 -9.12 -17.30
C LEU A 7 1.43 -8.50 -18.48
N ASP A 8 1.09 -7.23 -18.32
CA ASP A 8 0.44 -6.47 -19.37
C ASP A 8 1.03 -5.08 -19.18
N LEU A 9 1.77 -4.63 -20.18
CA LEU A 9 2.45 -3.35 -20.14
C LEU A 9 1.57 -2.13 -20.10
N VAL A 10 0.29 -2.34 -19.83
CA VAL A 10 -0.64 -1.24 -19.72
C VAL A 10 -0.86 -1.03 -18.23
N SER A 11 -0.38 -2.01 -17.45
CA SER A 11 -0.48 -2.02 -16.00
C SER A 11 0.85 -1.46 -15.44
N GLN A 12 0.79 -0.29 -14.80
CA GLN A 12 1.97 0.39 -14.25
C GLN A 12 2.92 -0.45 -13.40
N PRO A 13 2.38 -1.29 -12.51
CA PRO A 13 3.34 -2.08 -11.74
C PRO A 13 3.99 -3.09 -12.68
N SER A 14 3.20 -3.61 -13.61
CA SER A 14 3.68 -4.56 -14.59
C SER A 14 4.88 -3.94 -15.32
N ARG A 15 4.77 -2.66 -15.67
CA ARG A 15 5.86 -1.95 -16.35
C ARG A 15 7.11 -1.89 -15.48
N ALA A 16 6.97 -1.26 -14.31
CA ALA A 16 8.05 -1.10 -13.35
C ALA A 16 8.92 -2.35 -13.20
N VAL A 17 8.26 -3.49 -13.00
CA VAL A 17 8.95 -4.76 -12.82
C VAL A 17 9.69 -5.16 -14.09
N TYR A 18 9.06 -4.93 -15.24
CA TYR A 18 9.67 -5.26 -16.53
C TYR A 18 10.87 -4.37 -16.88
N ILE A 19 10.93 -3.16 -16.33
CA ILE A 19 12.06 -2.29 -16.63
C ILE A 19 13.25 -2.74 -15.80
N PHE A 20 13.01 -3.06 -14.53
CA PHE A 20 14.07 -3.52 -13.64
C PHE A 20 14.78 -4.71 -14.29
N ALA A 21 14.04 -5.82 -14.43
CA ALA A 21 14.53 -7.07 -15.00
C ALA A 21 15.42 -6.89 -16.21
N LYS A 22 14.90 -6.29 -17.25
CA LYS A 22 15.68 -6.07 -18.46
C LYS A 22 16.88 -5.14 -18.22
N LYS A 23 16.60 -3.96 -17.66
CA LYS A 23 17.67 -2.99 -17.38
C LYS A 23 18.80 -3.61 -16.61
N ASN A 24 18.48 -4.58 -15.76
CA ASN A 24 19.49 -5.29 -14.99
C ASN A 24 19.63 -6.64 -15.67
N GLY A 25 19.15 -6.67 -16.91
CA GLY A 25 19.18 -7.86 -17.76
C GLY A 25 19.03 -9.16 -17.03
N ILE A 26 17.79 -9.60 -16.81
CA ILE A 26 17.51 -10.85 -16.11
C ILE A 26 16.74 -11.82 -17.01
N PRO A 27 17.19 -13.08 -17.11
CA PRO A 27 16.48 -14.04 -17.96
C PRO A 27 15.01 -14.10 -17.55
N LEU A 28 14.12 -13.66 -18.44
CA LEU A 28 12.69 -13.68 -18.14
C LEU A 28 11.89 -14.16 -19.33
N GLU A 29 10.85 -14.94 -19.04
CA GLU A 29 9.95 -15.48 -20.06
C GLU A 29 8.66 -14.64 -19.98
N LEU A 30 8.65 -13.53 -20.72
CA LEU A 30 7.54 -12.58 -20.72
C LEU A 30 6.25 -13.18 -21.22
N ARG A 31 5.38 -13.59 -20.29
CA ARG A 31 4.09 -14.19 -20.62
C ARG A 31 2.97 -13.14 -20.57
N THR A 32 2.65 -12.56 -21.71
CA THR A 32 1.59 -11.54 -21.78
C THR A 32 0.26 -12.04 -21.26
N VAL A 33 -0.41 -11.17 -20.51
CA VAL A 33 -1.72 -11.47 -19.95
C VAL A 33 -2.59 -10.28 -20.30
N ASP A 34 -3.55 -10.48 -21.20
CA ASP A 34 -4.40 -9.35 -21.57
C ASP A 34 -5.41 -8.96 -20.47
N LEU A 35 -5.11 -7.86 -19.78
CA LEU A 35 -5.97 -7.37 -18.71
C LEU A 35 -7.29 -6.85 -19.28
N VAL A 36 -7.19 -5.91 -20.22
CA VAL A 36 -8.37 -5.31 -20.85
C VAL A 36 -9.34 -6.35 -21.38
N LYS A 37 -8.79 -7.47 -21.84
CA LYS A 37 -9.57 -8.57 -22.39
C LYS A 37 -10.17 -9.38 -21.26
N GLY A 38 -9.33 -9.65 -20.25
CA GLY A 38 -9.78 -10.42 -19.10
C GLY A 38 -9.03 -11.74 -18.98
N GLN A 39 -7.84 -11.79 -19.58
CA GLN A 39 -7.03 -13.01 -19.55
C GLN A 39 -6.61 -13.34 -18.13
N HIS A 40 -6.49 -12.30 -17.30
CA HIS A 40 -6.07 -12.47 -15.92
C HIS A 40 -7.16 -13.06 -15.04
N LYS A 41 -8.22 -13.57 -15.68
CA LYS A 41 -9.33 -14.18 -14.98
C LYS A 41 -9.58 -15.56 -15.61
N SER A 42 -8.90 -15.84 -16.71
CA SER A 42 -9.05 -17.12 -17.36
C SER A 42 -8.71 -18.23 -16.36
N LYS A 43 -9.65 -19.17 -16.19
CA LYS A 43 -9.47 -20.28 -15.26
C LYS A 43 -8.04 -20.76 -15.27
N GLU A 44 -7.44 -20.76 -16.45
CA GLU A 44 -6.06 -21.22 -16.61
C GLU A 44 -5.06 -20.30 -15.90
N PHE A 45 -5.31 -19.00 -15.90
CA PHE A 45 -4.40 -18.10 -15.22
C PHE A 45 -4.59 -18.21 -13.72
N LEU A 46 -5.81 -18.43 -13.29
CA LEU A 46 -6.10 -18.56 -11.87
C LEU A 46 -5.40 -19.78 -11.26
N GLN A 47 -4.96 -20.70 -12.10
CA GLN A 47 -4.27 -21.88 -11.60
C GLN A 47 -2.82 -21.52 -11.34
N ILE A 48 -2.49 -20.26 -11.58
CA ILE A 48 -1.12 -19.76 -11.38
C ILE A 48 -1.09 -18.68 -10.29
N ASN A 49 -2.09 -17.81 -10.29
CA ASN A 49 -2.23 -16.76 -9.28
C ASN A 49 -3.72 -16.58 -8.95
N SER A 50 -4.15 -17.28 -7.89
CA SER A 50 -5.52 -17.26 -7.42
C SER A 50 -6.19 -15.90 -7.52
N LEU A 51 -5.42 -14.87 -7.18
CA LEU A 51 -5.98 -13.53 -7.20
C LEU A 51 -6.32 -12.98 -8.58
N GLY A 52 -5.69 -13.52 -9.61
CA GLY A 52 -5.94 -13.03 -10.96
C GLY A 52 -5.51 -11.58 -11.07
N LYS A 53 -4.26 -11.33 -10.71
CA LYS A 53 -3.71 -9.98 -10.76
C LYS A 53 -2.39 -9.94 -11.54
N LEU A 54 -2.01 -8.76 -12.02
CA LEU A 54 -0.78 -8.58 -12.78
C LEU A 54 0.11 -7.47 -12.16
N PRO A 55 1.43 -7.68 -12.12
CA PRO A 55 2.15 -8.86 -12.57
C PRO A 55 2.39 -9.90 -11.47
N THR A 56 2.57 -11.15 -11.88
CA THR A 56 2.84 -12.26 -10.97
C THR A 56 4.04 -12.99 -11.57
N LEU A 57 5.02 -13.29 -10.72
CA LEU A 57 6.25 -13.93 -11.15
C LEU A 57 6.30 -15.43 -10.82
N LYS A 58 6.40 -16.27 -11.85
CA LYS A 58 6.45 -17.72 -11.60
C LYS A 58 7.89 -18.26 -11.66
N ASP A 59 8.55 -18.33 -10.49
CA ASP A 59 9.91 -18.86 -10.44
C ASP A 59 9.79 -20.26 -9.87
N GLY A 60 10.23 -21.24 -10.64
CA GLY A 60 10.13 -22.61 -10.18
C GLY A 60 8.65 -22.89 -9.99
N ASP A 61 8.29 -23.49 -8.87
CA ASP A 61 6.88 -23.77 -8.60
C ASP A 61 6.44 -22.76 -7.55
N PHE A 62 7.33 -21.80 -7.30
CA PHE A 62 7.11 -20.71 -6.37
C PHE A 62 6.54 -19.49 -7.13
N ILE A 63 5.23 -19.28 -7.01
CA ILE A 63 4.55 -18.17 -7.68
C ILE A 63 4.37 -16.99 -6.73
N LEU A 64 5.06 -15.90 -7.04
CA LEU A 64 5.03 -14.70 -6.23
C LEU A 64 4.30 -13.57 -6.95
N THR A 65 3.76 -12.63 -6.18
CA THR A 65 3.02 -11.51 -6.75
C THR A 65 3.50 -10.15 -6.20
N GLU A 66 2.69 -9.11 -6.40
CA GLU A 66 3.03 -7.76 -5.92
C GLU A 66 4.40 -7.33 -6.40
N SER A 67 4.43 -6.43 -7.38
CA SER A 67 5.70 -5.96 -7.93
C SER A 67 6.78 -5.68 -6.89
N SER A 68 6.41 -5.04 -5.76
CA SER A 68 7.35 -4.73 -4.71
C SER A 68 8.15 -5.99 -4.33
N ALA A 69 7.43 -7.04 -3.96
CA ALA A 69 8.06 -8.31 -3.59
C ALA A 69 8.85 -8.84 -4.80
N ILE A 70 8.16 -8.98 -5.93
CA ILE A 70 8.75 -9.46 -7.17
C ILE A 70 10.11 -8.78 -7.41
N LEU A 71 10.09 -7.45 -7.53
CA LEU A 71 11.32 -6.67 -7.78
C LEU A 71 12.40 -7.00 -6.79
N ILE A 72 12.05 -6.94 -5.50
CA ILE A 72 12.99 -7.21 -4.42
C ILE A 72 13.54 -8.64 -4.45
N TYR A 73 12.66 -9.61 -4.65
CA TYR A 73 13.07 -11.00 -4.72
C TYR A 73 13.99 -11.08 -5.91
N LEU A 74 13.64 -10.32 -6.95
CA LEU A 74 14.40 -10.29 -8.20
C LEU A 74 15.80 -9.80 -7.87
N SER A 75 15.85 -8.58 -7.35
CA SER A 75 17.09 -7.95 -6.96
C SER A 75 17.94 -8.91 -6.14
N CYS A 76 17.34 -9.50 -5.10
CA CYS A 76 18.04 -10.43 -4.23
C CYS A 76 18.56 -11.62 -5.01
N LYS A 77 17.67 -12.52 -5.41
CA LYS A 77 18.08 -13.71 -6.15
C LYS A 77 19.08 -13.42 -7.25
N TYR A 78 18.93 -12.25 -7.87
CA TYR A 78 19.81 -11.86 -8.97
C TYR A 78 20.85 -10.81 -8.59
N GLN A 79 21.29 -10.84 -7.33
CA GLN A 79 22.31 -9.93 -6.76
C GLN A 79 22.59 -8.64 -7.52
N THR A 80 21.53 -8.03 -8.07
CA THR A 80 21.62 -6.78 -8.82
C THR A 80 22.37 -5.69 -8.06
N PRO A 81 22.84 -4.64 -8.77
CA PRO A 81 23.58 -3.50 -8.21
C PRO A 81 23.00 -3.05 -6.90
N ASP A 82 23.87 -2.73 -5.94
CA ASP A 82 23.43 -2.30 -4.62
C ASP A 82 22.57 -1.03 -4.60
N HIS A 83 23.00 0.00 -5.31
CA HIS A 83 22.24 1.23 -5.35
C HIS A 83 20.73 0.98 -5.50
N TRP A 84 20.37 -0.04 -6.28
CA TRP A 84 18.96 -0.40 -6.53
C TRP A 84 18.17 -0.54 -5.25
N TYR A 85 18.40 -1.65 -4.55
CA TYR A 85 17.75 -1.95 -3.28
C TYR A 85 18.91 -2.14 -2.29
N PRO A 86 19.40 -1.03 -1.73
CA PRO A 86 20.49 -0.93 -0.77
C PRO A 86 20.45 -1.99 0.29
N SER A 87 21.57 -2.09 1.02
CA SER A 87 21.71 -3.05 2.11
C SER A 87 21.86 -2.23 3.38
N ASP A 88 22.17 -0.95 3.23
CA ASP A 88 22.33 -0.06 4.37
C ASP A 88 21.02 0.13 5.11
N LEU A 89 21.09 -0.03 6.42
CA LEU A 89 19.93 0.12 7.27
C LEU A 89 19.17 1.39 6.92
N GLN A 90 19.78 2.54 7.20
CA GLN A 90 19.14 3.83 6.89
C GLN A 90 18.62 3.79 5.46
N ALA A 91 19.50 3.33 4.57
CA ALA A 91 19.23 3.22 3.14
C ALA A 91 17.94 2.54 2.81
N ARG A 92 17.94 1.23 3.02
CA ARG A 92 16.78 0.41 2.72
C ARG A 92 15.51 0.98 3.33
N ALA A 93 15.59 1.37 4.60
CA ALA A 93 14.43 1.93 5.28
C ALA A 93 13.78 2.99 4.39
N ARG A 94 14.59 3.90 3.84
CA ARG A 94 14.09 4.97 3.01
C ARG A 94 13.30 4.48 1.80
N VAL A 95 13.62 3.28 1.32
CA VAL A 95 12.87 2.73 0.20
C VAL A 95 11.58 2.10 0.74
N HIS A 96 11.71 1.33 1.83
CA HIS A 96 10.59 0.66 2.48
C HIS A 96 9.55 1.63 2.99
N GLU A 97 10.00 2.85 3.25
CA GLU A 97 9.14 3.91 3.74
C GLU A 97 8.38 4.48 2.54
N TYR A 98 9.12 4.74 1.46
CA TYR A 98 8.47 5.28 0.28
C TYR A 98 7.47 4.26 -0.29
N LEU A 99 7.94 3.05 -0.54
CA LEU A 99 7.09 1.98 -1.07
C LEU A 99 5.87 1.77 -0.17
N GLY A 100 6.01 2.20 1.08
CA GLY A 100 4.90 2.11 2.01
C GLY A 100 3.94 3.26 1.74
N TRP A 101 4.49 4.47 1.53
CA TRP A 101 3.69 5.67 1.24
C TRP A 101 3.21 5.65 -0.20
N HIS A 102 4.02 5.10 -1.10
CA HIS A 102 3.64 5.03 -2.50
C HIS A 102 2.33 4.26 -2.65
N ALA A 103 2.23 3.12 -1.98
CA ALA A 103 1.05 2.30 -2.07
C ALA A 103 -0.18 2.94 -1.46
N ASP A 104 0.03 3.92 -0.60
CA ASP A 104 -1.07 4.59 0.06
C ASP A 104 -1.48 5.73 -0.82
N CYS A 105 -0.61 6.71 -0.95
CA CYS A 105 -0.99 7.84 -1.76
C CYS A 105 -0.83 7.76 -3.30
N ILE A 106 0.17 7.06 -3.82
CA ILE A 106 0.26 6.99 -5.29
C ILE A 106 -0.59 5.89 -5.94
N ARG A 107 -0.39 4.66 -5.50
CA ARG A 107 -1.09 3.49 -6.04
C ARG A 107 -2.62 3.56 -5.94
N GLY A 108 -3.30 3.45 -7.09
CA GLY A 108 -4.75 3.50 -7.11
C GLY A 108 -5.32 4.90 -7.32
N THR A 109 -4.45 5.89 -7.17
CA THR A 109 -4.78 7.31 -7.33
C THR A 109 -4.36 7.83 -8.71
N PHE A 110 -3.28 7.27 -9.26
CA PHE A 110 -2.73 7.69 -10.54
C PHE A 110 -3.03 6.81 -11.73
N GLY A 111 -4.10 6.03 -11.64
CA GLY A 111 -4.48 5.16 -12.72
C GLY A 111 -5.95 5.38 -12.99
N ILE A 112 -6.55 6.31 -12.26
CA ILE A 112 -7.96 6.62 -12.41
C ILE A 112 -8.30 7.27 -13.75
N PRO A 113 -7.42 8.15 -14.25
CA PRO A 113 -7.74 8.78 -15.54
C PRO A 113 -8.06 7.76 -16.66
N LEU A 114 -7.35 6.64 -16.66
CA LEU A 114 -7.59 5.62 -17.68
C LEU A 114 -9.01 5.06 -17.58
N TRP A 115 -9.52 4.95 -16.36
CA TRP A 115 -10.86 4.45 -16.15
C TRP A 115 -11.87 5.53 -16.54
N VAL A 116 -11.54 6.78 -16.24
CA VAL A 116 -12.40 7.90 -16.57
C VAL A 116 -12.42 8.06 -18.08
N GLN A 117 -11.24 7.89 -18.68
CA GLN A 117 -11.07 8.07 -20.12
C GLN A 117 -11.21 6.86 -21.04
N VAL A 118 -10.73 5.70 -20.62
CA VAL A 118 -10.80 4.55 -21.50
C VAL A 118 -11.58 3.33 -21.01
N LEU A 119 -11.02 2.64 -20.03
CA LEU A 119 -11.63 1.43 -19.48
C LEU A 119 -13.09 1.60 -19.05
N GLY A 120 -13.38 2.66 -18.33
CA GLY A 120 -14.74 2.91 -17.87
C GLY A 120 -15.74 2.84 -19.00
N PRO A 121 -15.67 3.80 -19.94
CA PRO A 121 -16.59 3.83 -21.08
C PRO A 121 -16.51 2.55 -21.92
N LEU A 122 -15.43 1.80 -21.79
CA LEU A 122 -15.28 0.56 -22.54
C LEU A 122 -16.48 -0.34 -22.27
N ILE A 123 -16.96 -0.32 -21.04
CA ILE A 123 -18.11 -1.15 -20.70
C ILE A 123 -19.32 -0.27 -20.43
N GLY A 124 -19.46 0.80 -21.21
CA GLY A 124 -20.60 1.69 -21.07
C GLY A 124 -20.73 2.51 -19.79
N VAL A 125 -19.81 2.34 -18.84
CA VAL A 125 -19.88 3.07 -17.57
C VAL A 125 -19.17 4.42 -17.66
N GLN A 126 -19.85 5.48 -17.21
CA GLN A 126 -19.28 6.81 -17.22
C GLN A 126 -19.02 7.25 -15.77
N VAL A 127 -17.82 7.70 -15.50
CA VAL A 127 -17.44 8.13 -14.15
C VAL A 127 -17.87 9.58 -13.88
N PRO A 128 -18.41 9.85 -12.67
CA PRO A 128 -18.87 11.16 -12.21
C PRO A 128 -17.80 12.26 -12.26
N GLU A 129 -18.14 13.41 -12.86
CA GLU A 129 -17.21 14.53 -12.95
C GLU A 129 -16.53 14.79 -11.60
N GLU A 130 -17.33 14.85 -10.53
CA GLU A 130 -16.81 15.08 -9.19
C GLU A 130 -15.67 14.14 -8.87
N LYS A 131 -15.91 12.84 -9.05
CA LYS A 131 -14.87 11.86 -8.78
C LYS A 131 -13.63 12.20 -9.63
N VAL A 132 -13.87 12.70 -10.83
CA VAL A 132 -12.81 13.08 -11.78
C VAL A 132 -11.99 14.23 -11.24
N GLU A 133 -12.69 15.29 -10.88
CA GLU A 133 -12.06 16.47 -10.34
C GLU A 133 -11.35 16.05 -9.06
N ARG A 134 -12.16 15.59 -8.10
CA ARG A 134 -11.69 15.13 -6.81
C ARG A 134 -10.41 14.33 -6.95
N ASN A 135 -10.36 13.39 -7.90
CA ASN A 135 -9.16 12.58 -8.09
C ASN A 135 -7.96 13.36 -8.56
N ARG A 136 -8.17 14.27 -9.52
CA ARG A 136 -7.05 15.04 -10.05
C ARG A 136 -6.46 15.96 -8.97
N THR A 137 -7.32 16.67 -8.25
CA THR A 137 -6.84 17.53 -7.19
C THR A 137 -6.17 16.62 -6.16
N ALA A 138 -6.57 15.35 -6.19
CA ALA A 138 -6.03 14.36 -5.27
C ALA A 138 -4.68 13.93 -5.74
N MET A 139 -4.44 14.09 -7.04
CA MET A 139 -3.17 13.72 -7.65
C MET A 139 -2.06 14.69 -7.29
N ASP A 140 -2.21 15.94 -7.71
CA ASP A 140 -1.19 16.95 -7.41
C ASP A 140 -0.92 16.94 -5.92
N GLN A 141 -1.98 16.75 -5.14
CA GLN A 141 -1.84 16.69 -3.69
C GLN A 141 -0.78 15.66 -3.34
N ALA A 142 -0.72 14.60 -4.14
CA ALA A 142 0.27 13.54 -3.95
C ALA A 142 1.58 14.02 -4.56
N LEU A 143 1.47 14.60 -5.74
CA LEU A 143 2.61 15.10 -6.46
C LEU A 143 3.41 16.10 -5.62
N GLN A 144 2.74 16.87 -4.77
CA GLN A 144 3.46 17.82 -3.93
C GLN A 144 4.27 17.11 -2.85
N TRP A 145 3.61 16.23 -2.11
CA TRP A 145 4.26 15.45 -1.06
C TRP A 145 5.41 14.62 -1.64
N LEU A 146 5.26 14.25 -2.89
CA LEU A 146 6.25 13.46 -3.59
C LEU A 146 7.30 14.40 -4.10
N GLU A 147 6.86 15.61 -4.45
CA GLU A 147 7.77 16.62 -4.95
C GLU A 147 8.68 17.12 -3.86
N ASP A 148 8.12 17.73 -2.82
CA ASP A 148 9.00 18.25 -1.80
C ASP A 148 9.20 17.38 -0.56
N LYS A 149 8.29 16.48 -0.24
CA LYS A 149 8.54 15.66 0.95
C LYS A 149 9.62 14.57 0.72
N PHE A 150 9.52 13.83 -0.38
CA PHE A 150 10.48 12.78 -0.68
C PHE A 150 11.65 13.23 -1.55
N LEU A 151 11.35 13.84 -2.69
CA LEU A 151 12.38 14.32 -3.60
C LEU A 151 13.23 15.37 -2.90
N GLY A 152 12.59 16.50 -2.58
CA GLY A 152 13.30 17.57 -1.92
C GLY A 152 14.39 18.13 -2.80
N ASP A 153 15.57 18.33 -2.24
CA ASP A 153 16.68 18.86 -3.00
C ASP A 153 17.49 17.72 -3.60
N ARG A 154 17.36 16.52 -3.02
CA ARG A 154 18.10 15.37 -3.49
C ARG A 154 17.64 14.94 -4.88
N PRO A 155 18.37 14.03 -5.54
CA PRO A 155 18.04 13.56 -6.88
C PRO A 155 16.97 12.48 -6.97
N PHE A 156 16.77 11.77 -5.85
CA PHE A 156 15.80 10.68 -5.83
C PHE A 156 14.93 10.58 -4.61
N LEU A 157 13.74 10.05 -4.84
CA LEU A 157 12.78 9.85 -3.81
C LEU A 157 13.50 9.09 -2.71
N ALA A 158 13.96 7.88 -3.00
CA ALA A 158 14.64 7.03 -2.01
C ALA A 158 16.10 7.34 -1.69
N GLY A 159 16.53 8.58 -1.90
CA GLY A 159 17.91 8.91 -1.57
C GLY A 159 18.73 9.62 -2.63
N GLN A 160 19.93 9.09 -2.89
CA GLN A 160 20.86 9.68 -3.85
C GLN A 160 20.91 9.05 -5.25
N GLN A 161 20.79 7.73 -5.33
CA GLN A 161 20.82 7.04 -6.62
C GLN A 161 19.49 6.38 -6.96
N VAL A 162 19.31 6.05 -8.23
CA VAL A 162 18.07 5.43 -8.69
C VAL A 162 17.79 4.23 -7.81
N THR A 163 16.51 3.98 -7.54
CA THR A 163 16.10 2.86 -6.70
C THR A 163 14.70 2.39 -7.12
N LEU A 164 14.32 1.18 -6.75
CA LEU A 164 13.00 0.67 -7.11
C LEU A 164 11.93 1.71 -6.79
N ALA A 165 12.19 2.56 -5.78
CA ALA A 165 11.25 3.59 -5.38
C ALA A 165 10.96 4.50 -6.55
N ASP A 166 12.00 4.83 -7.31
CA ASP A 166 11.88 5.70 -8.49
C ASP A 166 11.27 4.98 -9.70
N LEU A 167 11.54 3.69 -9.81
CA LEU A 167 11.04 2.85 -10.88
C LEU A 167 9.53 2.70 -10.71
N MET A 168 9.11 2.51 -9.47
CA MET A 168 7.70 2.36 -9.16
C MET A 168 7.04 3.70 -9.42
N ALA A 169 7.48 4.72 -8.69
CA ALA A 169 6.92 6.07 -8.82
C ALA A 169 6.70 6.52 -10.26
N LEU A 170 7.79 6.72 -11.00
CA LEU A 170 7.76 7.18 -12.39
C LEU A 170 6.86 6.38 -13.32
N GLU A 171 6.72 5.09 -13.03
CA GLU A 171 5.86 4.24 -13.84
C GLU A 171 4.40 4.58 -13.53
N GLU A 172 4.05 4.54 -12.25
CA GLU A 172 2.69 4.86 -11.82
C GLU A 172 2.25 6.21 -12.40
N LEU A 173 3.14 7.19 -12.29
CA LEU A 173 2.90 8.54 -12.78
C LEU A 173 2.89 8.67 -14.31
N MET A 174 3.25 7.61 -15.02
CA MET A 174 3.28 7.68 -16.47
C MET A 174 1.91 7.49 -17.13
N GLN A 175 0.97 6.93 -16.37
CA GLN A 175 -0.38 6.70 -16.86
C GLN A 175 -1.13 8.00 -17.09
N PRO A 176 -1.30 8.81 -16.05
CA PRO A 176 -2.02 10.06 -16.29
C PRO A 176 -1.38 10.82 -17.46
N VAL A 177 -0.05 10.81 -17.49
CA VAL A 177 0.73 11.46 -18.53
C VAL A 177 0.28 10.98 -19.94
N ALA A 178 0.58 9.72 -20.22
CA ALA A 178 0.24 9.09 -21.49
C ALA A 178 -1.20 9.32 -21.90
N LEU A 179 -2.01 9.75 -20.94
CA LEU A 179 -3.42 10.00 -21.18
C LEU A 179 -3.66 11.46 -21.59
N GLY A 180 -2.67 12.30 -21.32
CA GLY A 180 -2.81 13.70 -21.66
C GLY A 180 -2.57 14.60 -20.46
N TYR A 181 -2.34 14.02 -19.29
CA TYR A 181 -2.10 14.82 -18.10
C TYR A 181 -0.60 15.10 -17.98
N GLU A 182 -0.19 16.35 -18.12
CA GLU A 182 1.23 16.70 -18.00
C GLU A 182 1.50 17.12 -16.56
N LEU A 183 1.72 16.14 -15.70
CA LEU A 183 1.96 16.38 -14.28
C LEU A 183 3.28 17.05 -13.98
N PHE A 184 4.19 17.07 -14.96
CA PHE A 184 5.48 17.71 -14.72
C PHE A 184 5.47 19.13 -15.22
N GLU A 185 4.31 19.57 -15.70
CA GLU A 185 4.14 20.93 -16.20
C GLU A 185 4.77 21.89 -15.20
N GLY A 186 3.98 22.34 -14.22
CA GLY A 186 4.50 23.27 -13.24
C GLY A 186 5.35 22.64 -12.15
N ARG A 187 6.12 21.61 -12.49
CA ARG A 187 6.96 20.98 -11.48
C ARG A 187 8.33 20.58 -12.04
N PRO A 188 9.31 21.51 -11.93
CA PRO A 188 10.68 21.36 -12.39
C PRO A 188 11.43 20.36 -11.57
N ARG A 189 11.20 20.41 -10.26
CA ARG A 189 11.85 19.47 -9.37
C ARG A 189 11.44 18.07 -9.84
N LEU A 190 10.15 17.94 -10.21
CA LEU A 190 9.56 16.68 -10.66
C LEU A 190 9.92 16.34 -12.11
N ALA A 191 9.73 17.31 -13.00
CA ALA A 191 10.05 17.07 -14.39
C ALA A 191 11.50 16.57 -14.50
N ALA A 192 12.40 17.21 -13.76
CA ALA A 192 13.83 16.85 -13.77
C ALA A 192 14.15 15.47 -13.20
N TRP A 193 13.66 15.18 -12.00
CA TRP A 193 13.89 13.88 -11.39
C TRP A 193 13.53 12.79 -12.39
N ARG A 194 12.32 12.88 -12.93
CA ARG A 194 11.83 11.92 -13.90
C ARG A 194 12.83 11.81 -15.03
N GLY A 195 13.13 12.94 -15.66
CA GLY A 195 14.07 12.98 -16.78
C GLY A 195 15.44 12.47 -16.41
N ARG A 196 15.76 12.62 -15.13
CA ARG A 196 17.02 12.18 -14.58
C ARG A 196 16.99 10.66 -14.57
N VAL A 197 15.90 10.12 -14.07
CA VAL A 197 15.68 8.66 -14.00
C VAL A 197 15.74 8.12 -15.43
N GLU A 198 14.92 8.70 -16.30
CA GLU A 198 14.84 8.33 -17.70
C GLU A 198 16.23 8.26 -18.31
N ALA A 199 16.97 9.35 -18.15
CA ALA A 199 18.33 9.46 -18.65
C ALA A 199 19.08 8.18 -18.34
N PHE A 200 19.22 7.90 -17.03
CA PHE A 200 19.91 6.72 -16.51
C PHE A 200 19.41 5.44 -17.19
N LEU A 201 18.12 5.15 -16.99
CA LEU A 201 17.49 3.96 -17.55
C LEU A 201 17.74 3.75 -19.04
N GLY A 202 17.48 4.78 -19.83
CA GLY A 202 17.70 4.67 -21.26
C GLY A 202 16.43 4.88 -22.06
N ALA A 203 16.58 5.52 -23.21
CA ALA A 203 15.42 5.77 -24.06
C ALA A 203 14.83 4.45 -24.51
N GLU A 204 15.58 3.73 -25.36
CA GLU A 204 15.12 2.46 -25.90
C GLU A 204 14.25 1.63 -24.96
N LEU A 205 14.59 1.62 -23.67
CA LEU A 205 13.81 0.87 -22.71
C LEU A 205 12.52 1.61 -22.53
N CYS A 206 12.62 2.78 -21.92
CA CYS A 206 11.44 3.59 -21.65
C CYS A 206 10.59 3.78 -22.90
N GLN A 207 11.24 3.85 -24.06
CA GLN A 207 10.57 4.06 -25.33
C GLN A 207 9.71 2.86 -25.74
N GLU A 208 9.91 1.73 -25.06
CA GLU A 208 9.16 0.54 -25.39
C GLU A 208 8.41 0.07 -24.15
N ALA A 209 8.92 0.44 -22.98
CA ALA A 209 8.29 0.08 -21.72
C ALA A 209 6.87 0.65 -21.71
N HIS A 210 6.78 1.89 -22.17
CA HIS A 210 5.51 2.59 -22.22
C HIS A 210 4.71 2.18 -23.46
N SER A 211 5.01 2.82 -24.58
CA SER A 211 4.35 2.52 -25.84
C SER A 211 2.90 2.07 -25.68
N ILE A 212 2.70 0.82 -25.27
CA ILE A 212 1.36 0.26 -25.10
C ILE A 212 0.33 1.27 -24.57
N ILE A 213 0.66 1.96 -23.48
CA ILE A 213 -0.28 2.92 -22.91
C ILE A 213 -0.26 4.26 -23.63
N LEU A 214 0.83 4.55 -24.33
CA LEU A 214 0.95 5.80 -25.07
C LEU A 214 -0.03 5.81 -26.24
N SER A 215 -0.23 4.64 -26.82
CA SER A 215 -1.12 4.47 -27.95
C SER A 215 -2.52 4.15 -27.47
N ILE A 216 -2.61 3.71 -26.24
CA ILE A 216 -3.88 3.33 -25.64
C ILE A 216 -5.12 4.22 -25.92
N LEU A 217 -4.97 5.53 -25.91
CA LEU A 217 -6.10 6.43 -26.14
C LEU A 217 -6.63 6.31 -27.57
N GLU A 218 -5.74 5.89 -28.47
CA GLU A 218 -6.02 5.71 -29.89
C GLU A 218 -6.92 4.50 -30.11
N GLN A 219 -6.34 3.32 -29.83
CA GLN A 219 -7.06 2.07 -29.98
C GLN A 219 -8.42 2.32 -29.40
N ALA A 220 -8.45 3.09 -28.33
CA ALA A 220 -9.69 3.44 -27.65
C ALA A 220 -10.69 3.97 -28.67
N ALA A 221 -10.39 5.15 -29.21
CA ALA A 221 -11.22 5.79 -30.20
C ALA A 221 -11.45 4.87 -31.42
N LYS A 222 -10.37 4.38 -32.02
CA LYS A 222 -10.48 3.51 -33.18
C LYS A 222 -11.14 2.22 -32.76
N LYS A 223 -11.66 2.20 -31.53
CA LYS A 223 -12.32 1.03 -30.93
C LYS A 223 -11.50 -0.24 -31.11
N THR A 224 -10.18 -0.11 -31.03
CA THR A 224 -9.28 -1.23 -31.13
C THR A 224 -9.18 -1.90 -29.77
N LEU A 225 -10.17 -1.61 -28.92
CA LEU A 225 -10.22 -2.18 -27.57
C LEU A 225 -11.04 -3.46 -27.51
N PRO A 226 -10.44 -4.54 -26.99
CA PRO A 226 -11.19 -5.79 -26.92
C PRO A 226 -12.35 -5.64 -25.98
N THR A 227 -13.41 -6.42 -26.21
CA THR A 227 -14.57 -6.35 -25.35
C THR A 227 -14.27 -7.24 -24.13
N PRO A 228 -14.26 -6.65 -22.94
CA PRO A 228 -13.96 -7.46 -21.75
C PRO A 228 -14.91 -8.62 -21.50
N SER A 229 -14.34 -9.73 -21.06
CA SER A 229 -15.15 -10.89 -20.74
C SER A 229 -15.89 -10.58 -19.46
N PRO A 230 -17.01 -11.27 -19.22
CA PRO A 230 -17.79 -11.03 -18.01
C PRO A 230 -16.98 -10.98 -16.71
N GLU A 231 -15.95 -11.83 -16.59
CA GLU A 231 -15.10 -11.86 -15.41
C GLU A 231 -14.35 -10.54 -15.25
N ALA A 232 -13.92 -9.96 -16.37
CA ALA A 232 -13.18 -8.71 -16.35
C ALA A 232 -14.18 -7.57 -16.10
N TYR A 233 -15.33 -7.68 -16.74
CA TYR A 233 -16.37 -6.68 -16.60
C TYR A 233 -16.61 -6.42 -15.10
N GLN A 234 -16.76 -7.51 -14.35
CA GLN A 234 -16.98 -7.47 -12.91
C GLN A 234 -15.92 -6.62 -12.20
N ALA A 235 -14.66 -7.02 -12.37
CA ALA A 235 -13.55 -6.32 -11.75
C ALA A 235 -13.44 -4.88 -12.23
N MET A 236 -13.85 -4.62 -13.47
CA MET A 236 -13.83 -3.27 -14.00
C MET A 236 -14.92 -2.49 -13.25
N LEU A 237 -16.03 -3.18 -12.98
CA LEU A 237 -17.17 -2.58 -12.29
C LEU A 237 -16.85 -2.33 -10.82
N LEU A 238 -16.07 -3.23 -10.22
CA LEU A 238 -15.69 -3.08 -8.82
C LEU A 238 -14.76 -1.87 -8.69
N ARG A 239 -13.69 -1.89 -9.49
CA ARG A 239 -12.69 -0.82 -9.48
C ARG A 239 -13.31 0.58 -9.59
N ILE A 240 -14.09 0.79 -10.63
CA ILE A 240 -14.77 2.05 -10.88
C ILE A 240 -15.62 2.39 -9.65
N ALA A 241 -16.07 1.35 -8.95
CA ALA A 241 -16.93 1.46 -7.76
C ALA A 241 -16.23 1.90 -6.48
N ARG A 242 -14.90 1.89 -6.48
CA ARG A 242 -14.15 2.33 -5.31
C ARG A 242 -13.42 3.63 -5.64
N ILE A 243 -13.97 4.36 -6.61
CA ILE A 243 -13.44 5.65 -7.00
C ILE A 243 -14.14 6.57 -5.99
N PRO A 244 -13.38 7.28 -5.14
CA PRO A 244 -13.98 8.17 -4.14
C PRO A 244 -14.55 9.46 -4.72
N MET B 1 20.40 3.60 23.70
CA MET B 1 19.89 4.29 22.49
C MET B 1 18.69 5.15 22.84
N GLY B 2 17.54 4.52 23.10
CA GLY B 2 16.38 5.31 23.43
C GLY B 2 15.85 6.11 22.24
N LEU B 3 15.59 5.42 21.14
CA LEU B 3 15.04 6.09 19.97
C LEU B 3 13.56 6.27 20.32
N GLU B 4 13.06 7.47 20.06
CA GLU B 4 11.68 7.83 20.35
C GLU B 4 10.68 7.22 19.36
N LEU B 5 9.50 6.85 19.87
CA LEU B 5 8.42 6.30 19.04
C LEU B 5 7.13 7.08 19.25
N PHE B 6 6.87 8.04 18.38
CA PHE B 6 5.65 8.86 18.46
C PHE B 6 4.45 8.13 17.83
N LEU B 7 3.44 7.85 18.65
CA LEU B 7 2.26 7.14 18.16
C LEU B 7 0.99 7.44 18.94
N ASP B 8 -0.08 6.80 18.49
CA ASP B 8 -1.39 6.91 19.11
C ASP B 8 -1.96 5.50 18.93
N LEU B 9 -2.17 4.83 20.07
CA LEU B 9 -2.68 3.48 20.09
C LEU B 9 -4.10 3.32 19.56
N VAL B 10 -4.61 4.34 18.91
CA VAL B 10 -5.95 4.25 18.34
C VAL B 10 -5.76 4.04 16.84
N SER B 11 -4.51 4.21 16.44
CA SER B 11 -4.07 4.08 15.05
C SER B 11 -3.48 2.66 14.90
N GLN B 12 -4.16 1.84 14.11
CA GLN B 12 -3.75 0.44 13.90
C GLN B 12 -2.29 0.19 13.55
N PRO B 13 -1.70 1.01 12.67
CA PRO B 13 -0.29 0.73 12.37
C PRO B 13 0.52 1.05 13.62
N SER B 14 0.12 2.12 14.30
CA SER B 14 0.79 2.56 15.51
C SER B 14 0.82 1.40 16.49
N ARG B 15 -0.27 0.67 16.59
CA ARG B 15 -0.35 -0.48 17.49
C ARG B 15 0.64 -1.55 17.08
N ALA B 16 0.50 -2.04 15.84
CA ALA B 16 1.34 -3.10 15.27
C ALA B 16 2.82 -2.92 15.57
N VAL B 17 3.30 -1.69 15.38
CA VAL B 17 4.68 -1.33 15.63
C VAL B 17 5.01 -1.41 17.11
N TYR B 18 4.08 -0.94 17.93
CA TYR B 18 4.24 -0.95 19.38
C TYR B 18 4.23 -2.36 19.96
N ILE B 19 3.57 -3.32 19.30
CA ILE B 19 3.53 -4.68 19.81
C ILE B 19 4.86 -5.39 19.53
N PHE B 20 5.36 -5.21 18.31
CA PHE B 20 6.64 -5.78 17.90
C PHE B 20 7.74 -5.36 18.89
N ALA B 21 8.04 -4.07 18.93
CA ALA B 21 9.05 -3.49 19.81
C ALA B 21 9.05 -4.05 21.23
N LYS B 22 7.94 -3.93 21.92
CA LYS B 22 7.87 -4.45 23.28
C LYS B 22 8.01 -5.98 23.32
N LYS B 23 7.16 -6.67 22.56
CA LYS B 23 7.21 -8.14 22.52
C LYS B 23 8.61 -8.65 22.26
N ASN B 24 9.40 -7.89 21.52
CA ASN B 24 10.77 -8.27 21.25
C ASN B 24 11.60 -7.36 22.12
N GLY B 25 10.92 -6.78 23.10
CA GLY B 25 11.53 -5.87 24.06
C GLY B 25 12.63 -5.00 23.50
N ILE B 26 12.27 -3.84 22.97
CA ILE B 26 13.24 -2.90 22.41
C ILE B 26 13.15 -1.54 23.13
N PRO B 27 14.28 -1.00 23.54
CA PRO B 27 14.27 0.29 24.23
C PRO B 27 13.56 1.33 23.39
N LEU B 28 12.40 1.78 23.86
CA LEU B 28 11.63 2.77 23.14
C LEU B 28 11.09 3.87 24.04
N GLU B 29 11.13 5.09 23.55
CA GLU B 29 10.63 6.25 24.27
C GLU B 29 9.27 6.59 23.65
N LEU B 30 8.23 5.94 24.14
CA LEU B 30 6.87 6.14 23.64
C LEU B 30 6.37 7.58 23.79
N ARG B 31 6.43 8.33 22.70
CA ARG B 31 5.98 9.72 22.68
C ARG B 31 4.56 9.81 22.09
N THR B 32 3.56 9.82 22.95
CA THR B 32 2.18 9.91 22.50
C THR B 32 1.87 11.13 21.64
N VAL B 33 1.11 10.91 20.58
CA VAL B 33 0.70 11.97 19.67
C VAL B 33 -0.80 11.83 19.55
N ASP B 34 -1.55 12.79 20.07
CA ASP B 34 -3.01 12.72 20.00
C ASP B 34 -3.55 13.00 18.59
N LEU B 35 -3.93 11.94 17.88
CA LEU B 35 -4.45 12.07 16.52
C LEU B 35 -5.80 12.75 16.53
N VAL B 36 -6.73 12.19 17.32
CA VAL B 36 -8.09 12.72 17.45
C VAL B 36 -8.12 14.21 17.75
N LYS B 37 -7.13 14.65 18.51
CA LYS B 37 -6.98 16.05 18.92
C LYS B 37 -6.38 16.84 17.79
N GLY B 38 -5.34 16.27 17.17
CA GLY B 38 -4.67 16.92 16.06
C GLY B 38 -3.22 17.25 16.37
N GLN B 39 -2.66 16.59 17.37
CA GLN B 39 -1.29 16.85 17.78
C GLN B 39 -0.34 16.49 16.64
N HIS B 40 -0.77 15.58 15.76
CA HIS B 40 0.08 15.17 14.66
C HIS B 40 0.14 16.22 13.57
N LYS B 41 -0.38 17.40 13.86
CA LYS B 41 -0.36 18.53 12.93
C LYS B 41 0.29 19.73 13.60
N SER B 42 0.58 19.59 14.90
CA SER B 42 1.21 20.67 15.66
C SER B 42 2.55 21.03 15.02
N LYS B 43 2.70 22.31 14.67
CA LYS B 43 3.91 22.80 14.02
C LYS B 43 5.13 22.07 14.56
N GLU B 44 5.12 21.83 15.87
CA GLU B 44 6.22 21.15 16.54
C GLU B 44 6.40 19.70 16.09
N PHE B 45 5.30 19.01 15.81
CA PHE B 45 5.43 17.63 15.37
C PHE B 45 5.90 17.63 13.92
N LEU B 46 5.43 18.60 13.16
CA LEU B 46 5.80 18.69 11.76
C LEU B 46 7.31 18.94 11.58
N GLN B 47 7.98 19.38 12.63
CA GLN B 47 9.42 19.60 12.53
C GLN B 47 10.12 18.26 12.75
N ILE B 48 9.33 17.20 12.89
CA ILE B 48 9.85 15.87 13.11
C ILE B 48 9.45 14.97 11.94
N ASN B 49 8.19 15.07 11.53
CA ASN B 49 7.68 14.31 10.38
C ASN B 49 6.76 15.20 9.54
N SER B 50 7.37 15.82 8.51
CA SER B 50 6.68 16.74 7.59
C SER B 50 5.27 16.29 7.24
N LEU B 51 5.10 14.99 7.05
CA LEU B 51 3.78 14.47 6.67
C LEU B 51 2.73 14.53 7.78
N GLY B 52 3.18 14.61 9.03
CA GLY B 52 2.23 14.67 10.13
C GLY B 52 1.41 13.40 10.17
N LYS B 53 2.11 12.27 10.22
CA LYS B 53 1.46 10.97 10.26
C LYS B 53 2.01 10.12 11.41
N LEU B 54 1.23 9.11 11.80
CA LEU B 54 1.59 8.23 12.91
C LEU B 54 1.52 6.77 12.47
N PRO B 55 2.49 5.94 12.87
CA PRO B 55 3.62 6.31 13.70
C PRO B 55 4.86 6.66 12.89
N THR B 56 5.75 7.41 13.54
CA THR B 56 6.99 7.84 12.94
C THR B 56 8.04 7.56 14.00
N LEU B 57 9.15 6.93 13.59
CA LEU B 57 10.23 6.56 14.51
C LEU B 57 11.45 7.48 14.43
N LYS B 58 11.79 8.12 15.54
CA LYS B 58 12.95 9.01 15.53
C LYS B 58 14.18 8.35 16.15
N ASP B 59 15.01 7.73 15.30
CA ASP B 59 16.23 7.09 15.76
C ASP B 59 17.36 8.04 15.40
N GLY B 60 18.10 8.51 16.40
CA GLY B 60 19.18 9.45 16.13
C GLY B 60 18.56 10.68 15.52
N ASP B 61 19.12 11.18 14.43
CA ASP B 61 18.56 12.35 13.76
C ASP B 61 17.89 11.83 12.50
N PHE B 62 17.86 10.49 12.41
CA PHE B 62 17.22 9.76 11.31
C PHE B 62 15.73 9.50 11.64
N ILE B 63 14.84 10.28 11.01
CA ILE B 63 13.41 10.12 11.25
C ILE B 63 12.74 9.29 10.17
N LEU B 64 12.28 8.10 10.56
CA LEU B 64 11.65 7.15 9.64
C LEU B 64 10.16 7.05 9.88
N THR B 65 9.41 6.69 8.84
CA THR B 65 7.97 6.56 8.93
C THR B 65 7.45 5.21 8.40
N GLU B 66 6.14 5.12 8.16
CA GLU B 66 5.52 3.90 7.64
C GLU B 66 5.90 2.70 8.48
N SER B 67 4.94 2.18 9.25
CA SER B 67 5.19 1.04 10.12
C SER B 67 5.98 -0.09 9.47
N SER B 68 5.70 -0.38 8.21
CA SER B 68 6.40 -1.42 7.48
C SER B 68 7.88 -1.22 7.62
N ALA B 69 8.34 -0.06 7.19
CA ALA B 69 9.75 0.30 7.25
C ALA B 69 10.21 0.27 8.71
N ILE B 70 9.53 1.06 9.54
CA ILE B 70 9.83 1.13 10.97
C ILE B 70 10.08 -0.27 11.53
N LEU B 71 9.07 -1.15 11.46
CA LEU B 71 9.17 -2.52 11.97
C LEU B 71 10.38 -3.27 11.44
N ILE B 72 10.57 -3.22 10.12
CA ILE B 72 11.69 -3.89 9.45
C ILE B 72 13.04 -3.29 9.87
N TYR B 73 13.11 -1.97 9.91
CA TYR B 73 14.34 -1.31 10.33
C TYR B 73 14.59 -1.74 11.77
N LEU B 74 13.50 -1.81 12.54
CA LEU B 74 13.54 -2.22 13.94
C LEU B 74 14.15 -3.61 14.00
N SER B 75 13.45 -4.55 13.37
CA SER B 75 13.87 -5.95 13.32
C SER B 75 15.34 -6.04 12.97
N CYS B 76 15.73 -5.36 11.89
CA CYS B 76 17.13 -5.38 11.47
C CYS B 76 18.07 -4.87 12.56
N LYS B 77 18.06 -3.55 12.74
CA LYS B 77 18.91 -2.90 13.73
C LYS B 77 18.94 -3.65 15.06
N TYR B 78 17.80 -4.24 15.42
CA TYR B 78 17.69 -4.96 16.67
C TYR B 78 17.70 -6.49 16.54
N GLN B 79 18.38 -6.97 15.50
CA GLN B 79 18.56 -8.40 15.19
C GLN B 79 17.53 -9.37 15.75
N THR B 80 16.28 -8.92 15.86
CA THR B 80 15.18 -9.71 16.40
C THR B 80 15.11 -11.11 15.78
N PRO B 81 14.38 -12.04 16.44
CA PRO B 81 14.20 -13.43 15.99
C PRO B 81 13.93 -13.51 14.48
N ASP B 82 14.56 -14.49 13.83
CA ASP B 82 14.42 -14.66 12.39
C ASP B 82 12.98 -14.91 11.93
N HIS B 83 12.29 -15.82 12.60
CA HIS B 83 10.92 -16.11 12.23
C HIS B 83 10.15 -14.83 11.90
N TRP B 84 10.40 -13.75 12.64
CA TRP B 84 9.73 -12.45 12.45
C TRP B 84 9.75 -11.98 11.00
N TYR B 85 10.93 -11.52 10.59
CA TYR B 85 11.17 -11.03 9.24
C TYR B 85 12.33 -11.89 8.70
N PRO B 86 11.99 -13.09 8.23
CA PRO B 86 12.90 -14.09 7.67
C PRO B 86 14.01 -13.51 6.84
N SER B 87 14.99 -14.37 6.53
CA SER B 87 16.12 -14.00 5.70
C SER B 87 16.05 -14.84 4.44
N ASP B 88 15.27 -15.91 4.50
CA ASP B 88 15.11 -16.81 3.36
C ASP B 88 14.43 -16.11 2.22
N LEU B 89 14.99 -16.24 1.03
CA LEU B 89 14.44 -15.64 -0.16
C LEU B 89 12.94 -15.89 -0.29
N GLN B 90 12.56 -17.14 -0.51
CA GLN B 90 11.15 -17.51 -0.62
C GLN B 90 10.40 -16.90 0.54
N ALA B 91 10.95 -17.12 1.73
CA ALA B 91 10.39 -16.63 2.98
C ALA B 91 9.98 -15.15 2.95
N ARG B 92 11.01 -14.30 2.94
CA ARG B 92 10.83 -12.85 2.94
C ARG B 92 9.85 -12.40 1.88
N ALA B 93 10.02 -12.92 0.68
CA ALA B 93 9.12 -12.56 -0.40
C ALA B 93 7.69 -12.69 0.07
N ARG B 94 7.36 -13.82 0.69
CA ARG B 94 5.99 -14.04 1.16
C ARG B 94 5.44 -12.93 2.09
N VAL B 95 6.34 -12.26 2.79
CA VAL B 95 5.96 -11.17 3.67
C VAL B 95 5.81 -9.94 2.82
N HIS B 96 6.81 -9.69 1.99
CA HIS B 96 6.84 -8.55 1.10
C HIS B 96 5.69 -8.53 0.12
N GLU B 97 5.12 -9.71 -0.13
CA GLU B 97 3.98 -9.86 -1.03
C GLU B 97 2.71 -9.53 -0.22
N TYR B 98 2.60 -10.07 0.99
CA TYR B 98 1.44 -9.77 1.79
C TYR B 98 1.39 -8.29 2.13
N LEU B 99 2.46 -7.76 2.73
CA LEU B 99 2.49 -6.34 3.08
C LEU B 99 2.21 -5.48 1.85
N GLY B 100 2.39 -6.07 0.67
CA GLY B 100 2.13 -5.36 -0.58
C GLY B 100 0.65 -5.39 -0.82
N TRP B 101 0.04 -6.55 -0.58
CA TRP B 101 -1.41 -6.74 -0.75
C TRP B 101 -2.18 -6.16 0.45
N HIS B 102 -1.58 -6.23 1.63
CA HIS B 102 -2.21 -5.71 2.82
C HIS B 102 -2.52 -4.23 2.64
N ALA B 103 -1.52 -3.49 2.16
CA ALA B 103 -1.67 -2.05 1.96
C ALA B 103 -2.68 -1.71 0.88
N ASP B 104 -2.94 -2.66 -0.02
CA ASP B 104 -3.90 -2.41 -1.08
C ASP B 104 -5.28 -2.75 -0.56
N CYS B 105 -5.51 -4.03 -0.29
CA CYS B 105 -6.82 -4.42 0.18
C CYS B 105 -7.18 -4.26 1.67
N ILE B 106 -6.24 -4.37 2.61
CA ILE B 106 -6.63 -4.17 4.01
C ILE B 106 -6.54 -2.71 4.48
N ARG B 107 -5.37 -2.11 4.32
CA ARG B 107 -5.15 -0.74 4.76
C ARG B 107 -6.09 0.29 4.12
N GLY B 108 -6.78 1.07 4.96
CA GLY B 108 -7.72 2.09 4.49
C GLY B 108 -9.14 1.57 4.36
N THR B 109 -9.29 0.24 4.33
CA THR B 109 -10.57 -0.47 4.20
C THR B 109 -11.13 -0.93 5.54
N PHE B 110 -10.24 -1.20 6.49
CA PHE B 110 -10.65 -1.70 7.80
C PHE B 110 -10.59 -0.72 8.96
N GLY B 111 -10.66 0.57 8.61
CA GLY B 111 -10.64 1.61 9.62
C GLY B 111 -11.76 2.58 9.36
N ILE B 112 -12.58 2.27 8.35
CA ILE B 112 -13.70 3.14 7.96
C ILE B 112 -14.80 3.16 9.01
N PRO B 113 -15.09 1.99 9.63
CA PRO B 113 -16.14 1.94 10.65
C PRO B 113 -15.96 2.99 11.73
N LEU B 114 -14.71 3.24 12.13
CA LEU B 114 -14.44 4.26 13.14
C LEU B 114 -14.85 5.64 12.68
N TRP B 115 -14.73 5.91 11.37
CA TRP B 115 -15.12 7.21 10.79
C TRP B 115 -16.62 7.26 10.65
N VAL B 116 -17.22 6.14 10.31
CA VAL B 116 -18.64 6.04 10.16
C VAL B 116 -19.28 6.19 11.54
N GLN B 117 -18.65 5.58 12.54
CA GLN B 117 -19.19 5.59 13.90
C GLN B 117 -18.67 6.61 14.91
N VAL B 118 -17.42 7.01 14.83
CA VAL B 118 -16.95 7.94 15.83
C VAL B 118 -16.34 9.22 15.30
N LEU B 119 -15.19 9.12 14.64
CA LEU B 119 -14.51 10.29 14.10
C LEU B 119 -15.34 11.16 13.16
N GLY B 120 -16.07 10.54 12.24
CA GLY B 120 -16.89 11.31 11.31
C GLY B 120 -17.84 12.23 12.07
N PRO B 121 -18.79 11.64 12.82
CA PRO B 121 -19.75 12.42 13.61
C PRO B 121 -19.07 13.41 14.57
N LEU B 122 -17.83 13.13 14.93
CA LEU B 122 -17.08 14.00 15.85
C LEU B 122 -17.07 15.45 15.34
N ILE B 123 -17.01 15.62 14.02
CA ILE B 123 -16.99 16.95 13.43
C ILE B 123 -18.28 17.17 12.68
N GLY B 124 -19.37 16.63 13.20
CA GLY B 124 -20.67 16.79 12.58
C GLY B 124 -20.93 16.16 11.20
N VAL B 125 -19.95 15.47 10.64
CA VAL B 125 -20.17 14.86 9.33
C VAL B 125 -20.66 13.42 9.45
N GLN B 126 -21.69 13.10 8.68
CA GLN B 126 -22.28 11.76 8.65
C GLN B 126 -21.97 11.08 7.30
N VAL B 127 -21.42 9.86 7.35
CA VAL B 127 -21.07 9.10 6.15
C VAL B 127 -22.32 8.47 5.58
N PRO B 128 -22.46 8.47 4.23
CA PRO B 128 -23.63 7.87 3.57
C PRO B 128 -23.73 6.36 3.76
N GLU B 129 -24.96 5.89 4.02
CA GLU B 129 -25.24 4.48 4.23
C GLU B 129 -24.52 3.62 3.19
N GLU B 130 -24.71 3.96 1.92
CA GLU B 130 -24.10 3.22 0.82
C GLU B 130 -22.62 3.00 1.05
N LYS B 131 -21.90 4.08 1.31
CA LYS B 131 -20.46 3.99 1.56
C LYS B 131 -20.24 2.98 2.68
N VAL B 132 -21.15 3.01 3.66
CA VAL B 132 -21.11 2.14 4.83
C VAL B 132 -21.25 0.69 4.41
N GLU B 133 -22.32 0.42 3.68
CA GLU B 133 -22.59 -0.92 3.22
C GLU B 133 -21.43 -1.34 2.33
N ARG B 134 -21.26 -0.60 1.24
CA ARG B 134 -20.22 -0.82 0.25
C ARG B 134 -18.90 -1.22 0.93
N ASN B 135 -18.52 -0.49 1.97
CA ASN B 135 -17.28 -0.76 2.68
C ASN B 135 -17.28 -2.08 3.42
N ARG B 136 -18.37 -2.39 4.10
CA ARG B 136 -18.43 -3.64 4.84
C ARG B 136 -18.39 -4.82 3.90
N THR B 137 -19.18 -4.79 2.85
CA THR B 137 -19.17 -5.88 1.88
C THR B 137 -17.76 -5.91 1.27
N ALA B 138 -17.08 -4.77 1.30
CA ALA B 138 -15.72 -4.64 0.78
C ALA B 138 -14.72 -5.25 1.76
N MET B 139 -15.14 -5.35 3.02
CA MET B 139 -14.30 -5.89 4.07
C MET B 139 -14.20 -7.39 3.97
N ASP B 140 -15.33 -8.07 4.13
CA ASP B 140 -15.34 -9.52 4.06
C ASP B 140 -14.70 -9.96 2.75
N GLN B 141 -14.93 -9.18 1.70
CA GLN B 141 -14.35 -9.48 0.40
C GLN B 141 -12.85 -9.59 0.59
N ALA B 142 -12.31 -8.76 1.48
CA ALA B 142 -10.89 -8.79 1.78
C ALA B 142 -10.64 -9.97 2.72
N LEU B 143 -11.52 -10.10 3.70
CA LEU B 143 -11.45 -11.15 4.69
C LEU B 143 -11.39 -12.55 4.05
N GLN B 144 -12.06 -12.72 2.92
CA GLN B 144 -12.07 -14.01 2.23
C GLN B 144 -10.70 -14.28 1.59
N TRP B 145 -10.20 -13.32 0.83
CA TRP B 145 -8.89 -13.42 0.16
C TRP B 145 -7.77 -13.60 1.18
N LEU B 146 -8.01 -13.08 2.38
CA LEU B 146 -7.05 -13.16 3.48
C LEU B 146 -7.26 -14.50 4.16
N GLU B 147 -8.52 -14.92 4.22
CA GLU B 147 -8.86 -16.19 4.83
C GLU B 147 -8.30 -17.34 4.03
N ASP B 148 -8.76 -17.50 2.80
CA ASP B 148 -8.27 -18.63 2.02
C ASP B 148 -7.12 -18.37 1.07
N LYS B 149 -6.91 -17.15 0.60
CA LYS B 149 -5.78 -16.96 -0.30
C LYS B 149 -4.42 -16.95 0.44
N PHE B 150 -4.33 -16.24 1.56
CA PHE B 150 -3.06 -16.17 2.28
C PHE B 150 -2.95 -17.17 3.40
N LEU B 151 -3.97 -17.20 4.26
CA LEU B 151 -3.99 -18.11 5.38
C LEU B 151 -4.01 -19.55 4.87
N GLY B 152 -5.09 -19.91 4.18
CA GLY B 152 -5.22 -21.25 3.66
C GLY B 152 -5.27 -22.28 4.78
N ASP B 153 -4.50 -23.35 4.63
CA ASP B 153 -4.46 -24.40 5.63
C ASP B 153 -3.33 -24.13 6.61
N ARG B 154 -2.35 -23.31 6.21
CA ARG B 154 -1.22 -22.98 7.08
C ARG B 154 -1.66 -22.15 8.29
N PRO B 155 -0.76 -21.95 9.25
CA PRO B 155 -1.09 -21.19 10.45
C PRO B 155 -0.94 -19.68 10.34
N PHE B 156 -0.22 -19.22 9.31
CA PHE B 156 -0.03 -17.79 9.16
C PHE B 156 -0.06 -17.28 7.74
N LEU B 157 -0.48 -16.03 7.62
CA LEU B 157 -0.56 -15.40 6.35
C LEU B 157 0.79 -15.58 5.68
N ALA B 158 1.83 -15.04 6.31
CA ALA B 158 3.18 -15.09 5.74
C ALA B 158 3.95 -16.38 5.91
N GLY B 159 3.25 -17.51 6.05
CA GLY B 159 3.96 -18.76 6.16
C GLY B 159 3.63 -19.69 7.30
N GLN B 160 4.66 -20.13 8.03
CA GLN B 160 4.47 -21.07 9.14
C GLN B 160 4.48 -20.48 10.53
N GLN B 161 5.31 -19.47 10.75
CA GLN B 161 5.38 -18.83 12.07
C GLN B 161 4.93 -17.39 12.03
N VAL B 162 4.65 -16.83 13.20
CA VAL B 162 4.21 -15.44 13.30
C VAL B 162 5.20 -14.53 12.58
N THR B 163 4.68 -13.48 11.97
CA THR B 163 5.53 -12.55 11.22
C THR B 163 4.86 -11.17 11.18
N LEU B 164 5.65 -10.12 10.94
CA LEU B 164 5.09 -8.77 10.87
C LEU B 164 3.78 -8.76 10.05
N ALA B 165 3.67 -9.68 9.09
CA ALA B 165 2.48 -9.78 8.24
C ALA B 165 1.27 -10.00 9.10
N ASP B 166 1.43 -10.86 10.11
CA ASP B 166 0.36 -11.20 11.06
C ASP B 166 0.13 -10.09 12.08
N LEU B 167 1.20 -9.40 12.45
CA LEU B 167 1.13 -8.29 13.39
C LEU B 167 0.36 -7.16 12.75
N MET B 168 0.68 -6.88 11.48
CA MET B 168 0.01 -5.83 10.77
C MET B 168 -1.44 -6.23 10.59
N ALA B 169 -1.68 -7.33 9.89
CA ALA B 169 -3.03 -7.81 9.63
C ALA B 169 -4.00 -7.73 10.82
N LEU B 170 -3.75 -8.57 11.84
CA LEU B 170 -4.59 -8.63 13.05
C LEU B 170 -4.85 -7.31 13.73
N GLU B 171 -3.88 -6.40 13.65
CA GLU B 171 -4.06 -5.09 14.25
C GLU B 171 -5.08 -4.32 13.41
N GLU B 172 -4.84 -4.22 12.11
CA GLU B 172 -5.74 -3.52 11.21
C GLU B 172 -7.17 -4.02 11.39
N LEU B 173 -7.28 -5.34 11.48
CA LEU B 173 -8.57 -6.00 11.64
C LEU B 173 -9.16 -5.85 13.03
N MET B 174 -8.41 -5.29 13.98
CA MET B 174 -8.95 -5.15 15.33
C MET B 174 -9.87 -3.94 15.50
N GLN B 175 -9.78 -3.00 14.58
CA GLN B 175 -10.60 -1.81 14.65
C GLN B 175 -12.06 -2.12 14.42
N PRO B 176 -12.41 -2.70 13.26
CA PRO B 176 -13.83 -3.00 13.06
C PRO B 176 -14.35 -3.75 14.25
N VAL B 177 -13.55 -4.70 14.71
CA VAL B 177 -13.90 -5.54 15.85
C VAL B 177 -14.28 -4.71 17.08
N ALA B 178 -13.29 -4.00 17.63
CA ALA B 178 -13.45 -3.17 18.82
C ALA B 178 -14.66 -2.22 18.73
N LEU B 179 -15.16 -2.01 17.52
CA LEU B 179 -16.28 -1.11 17.26
C LEU B 179 -17.61 -1.87 17.30
N GLY B 180 -17.55 -3.20 17.22
CA GLY B 180 -18.77 -3.97 17.22
C GLY B 180 -18.88 -4.97 16.08
N TYR B 181 -17.92 -4.93 15.16
CA TYR B 181 -17.93 -5.85 14.03
C TYR B 181 -17.16 -7.13 14.40
N GLU B 182 -17.86 -8.26 14.47
CA GLU B 182 -17.19 -9.52 14.79
C GLU B 182 -16.84 -10.21 13.49
N LEU B 183 -15.72 -9.82 12.88
CA LEU B 183 -15.28 -10.38 11.61
C LEU B 183 -14.87 -11.84 11.64
N PHE B 184 -14.66 -12.36 12.85
CA PHE B 184 -14.27 -13.75 12.98
C PHE B 184 -15.48 -14.63 13.26
N GLU B 185 -16.66 -14.03 13.20
CA GLU B 185 -17.91 -14.76 13.42
C GLU B 185 -17.92 -16.01 12.57
N GLY B 186 -18.37 -15.88 11.33
CA GLY B 186 -18.43 -17.03 10.45
C GLY B 186 -17.10 -17.37 9.81
N ARG B 187 -16.01 -17.20 10.55
CA ARG B 187 -14.70 -17.51 10.00
C ARG B 187 -13.77 -18.17 11.01
N PRO B 188 -13.86 -19.50 11.13
CA PRO B 188 -13.03 -20.29 12.04
C PRO B 188 -11.55 -20.31 11.63
N ARG B 189 -11.29 -20.34 10.33
CA ARG B 189 -9.94 -20.30 9.82
C ARG B 189 -9.30 -19.03 10.35
N LEU B 190 -10.06 -17.95 10.25
CA LEU B 190 -9.67 -16.61 10.68
C LEU B 190 -9.71 -16.43 12.21
N ALA B 191 -10.81 -16.82 12.82
CA ALA B 191 -10.92 -16.68 14.26
C ALA B 191 -9.73 -17.37 14.95
N ALA B 192 -9.37 -18.55 14.43
CA ALA B 192 -8.26 -19.38 14.94
C ALA B 192 -6.87 -18.77 14.77
N TRP B 193 -6.56 -18.33 13.55
CA TRP B 193 -5.26 -17.73 13.24
C TRP B 193 -5.01 -16.55 14.19
N ARG B 194 -6.02 -15.68 14.27
CA ARG B 194 -5.96 -14.51 15.14
C ARG B 194 -5.64 -15.00 16.58
N GLY B 195 -6.51 -15.86 17.11
CA GLY B 195 -6.32 -16.38 18.45
C GLY B 195 -5.00 -17.10 18.61
N ARG B 196 -4.52 -17.66 17.51
CA ARG B 196 -3.25 -18.37 17.56
C ARG B 196 -2.13 -17.32 17.74
N VAL B 197 -2.25 -16.24 16.96
CA VAL B 197 -1.29 -15.15 17.02
C VAL B 197 -1.36 -14.57 18.42
N GLU B 198 -2.58 -14.27 18.87
CA GLU B 198 -2.82 -13.71 20.20
C GLU B 198 -2.12 -14.57 21.25
N ALA B 199 -2.40 -15.87 21.17
CA ALA B 199 -1.80 -16.85 22.08
C ALA B 199 -0.30 -16.55 22.23
N PHE B 200 0.39 -16.68 21.10
CA PHE B 200 1.82 -16.44 21.01
C PHE B 200 2.20 -15.11 21.68
N LEU B 201 1.73 -14.02 21.09
CA LEU B 201 2.02 -12.68 21.59
C LEU B 201 1.86 -12.51 23.11
N GLY B 202 0.69 -12.91 23.62
CA GLY B 202 0.44 -12.77 25.04
C GLY B 202 -0.73 -11.85 25.34
N ALA B 203 -1.51 -12.20 26.35
CA ALA B 203 -2.68 -11.41 26.74
C ALA B 203 -2.25 -10.03 27.17
N GLU B 204 -1.54 -9.95 28.28
CA GLU B 204 -1.09 -8.68 28.82
C GLU B 204 -0.71 -7.64 27.76
N LEU B 205 -0.03 -8.08 26.70
CA LEU B 205 0.34 -7.16 25.62
C LEU B 205 -0.93 -6.72 24.92
N CYS B 206 -1.55 -7.67 24.24
CA CYS B 206 -2.77 -7.42 23.50
C CYS B 206 -3.86 -6.79 24.32
N GLN B 207 -3.86 -7.12 25.61
CA GLN B 207 -4.85 -6.59 26.55
C GLN B 207 -4.62 -5.09 26.84
N GLU B 208 -3.46 -4.58 26.43
CA GLU B 208 -3.12 -3.17 26.64
C GLU B 208 -2.84 -2.48 25.30
N ALA B 209 -2.41 -3.28 24.32
CA ALA B 209 -2.12 -2.77 22.98
C ALA B 209 -3.40 -2.13 22.46
N HIS B 210 -4.50 -2.86 22.63
CA HIS B 210 -5.80 -2.41 22.18
C HIS B 210 -6.41 -1.38 23.09
N SER B 211 -7.05 -1.84 24.17
CA SER B 211 -7.69 -0.97 25.15
C SER B 211 -8.20 0.36 24.59
N ILE B 212 -7.28 1.28 24.32
CA ILE B 212 -7.63 2.61 23.81
C ILE B 212 -8.80 2.60 22.83
N ILE B 213 -8.73 1.73 21.84
CA ILE B 213 -9.78 1.64 20.83
C ILE B 213 -10.98 0.84 21.32
N LEU B 214 -10.75 -0.02 22.30
CA LEU B 214 -11.82 -0.85 22.84
C LEU B 214 -12.82 0.02 23.62
N SER B 215 -12.27 1.03 24.28
CA SER B 215 -13.07 1.97 25.06
C SER B 215 -13.57 3.10 24.17
N ILE B 216 -12.87 3.30 23.06
CA ILE B 216 -13.19 4.38 22.14
C ILE B 216 -14.65 4.72 21.87
N LEU B 217 -15.50 3.70 21.73
CA LEU B 217 -16.91 3.96 21.42
C LEU B 217 -17.65 4.62 22.59
N GLU B 218 -17.14 4.40 23.80
CA GLU B 218 -17.70 4.97 25.04
C GLU B 218 -17.38 6.47 25.16
N GLN B 219 -16.08 6.79 25.24
CA GLN B 219 -15.65 8.18 25.32
C GLN B 219 -16.44 8.91 24.25
N ALA B 220 -16.63 8.24 23.12
CA ALA B 220 -17.42 8.82 22.05
C ALA B 220 -18.75 9.31 22.61
N ALA B 221 -19.60 8.38 23.03
CA ALA B 221 -20.91 8.72 23.57
C ALA B 221 -20.82 9.68 24.74
N LYS B 222 -20.04 9.32 25.74
CA LYS B 222 -19.90 10.19 26.91
C LYS B 222 -19.16 11.46 26.50
N LYS B 223 -19.06 11.68 25.18
CA LYS B 223 -18.38 12.84 24.60
C LYS B 223 -17.00 13.12 25.24
N THR B 224 -16.27 12.05 25.56
CA THR B 224 -14.93 12.17 26.14
C THR B 224 -13.96 12.37 24.98
N LEU B 225 -14.50 12.74 23.82
CA LEU B 225 -13.68 12.97 22.63
C LEU B 225 -13.23 14.40 22.47
N PRO B 226 -11.92 14.59 22.38
CA PRO B 226 -11.49 15.96 22.23
C PRO B 226 -11.99 16.55 20.93
N THR B 227 -12.11 17.88 20.90
CA THR B 227 -12.54 18.57 19.72
C THR B 227 -11.33 18.78 18.83
N PRO B 228 -11.40 18.22 17.62
CA PRO B 228 -10.28 18.36 16.68
C PRO B 228 -9.92 19.79 16.31
N SER B 229 -8.61 20.02 16.22
CA SER B 229 -8.03 21.29 15.85
C SER B 229 -8.35 21.47 14.37
N PRO B 230 -8.36 22.71 13.88
CA PRO B 230 -8.68 22.99 12.46
C PRO B 230 -7.85 22.14 11.48
N GLU B 231 -6.58 21.93 11.85
CA GLU B 231 -5.67 21.17 11.01
C GLU B 231 -6.12 19.71 10.95
N ALA B 232 -6.63 19.21 12.07
CA ALA B 232 -7.10 17.82 12.16
C ALA B 232 -8.40 17.72 11.39
N TYR B 233 -9.24 18.71 11.60
CA TYR B 233 -10.54 18.81 10.95
C TYR B 233 -10.39 18.57 9.46
N GLN B 234 -9.45 19.29 8.86
CA GLN B 234 -9.16 19.18 7.44
C GLN B 234 -8.88 17.75 7.05
N ALA B 235 -7.90 17.15 7.71
CA ALA B 235 -7.50 15.78 7.43
C ALA B 235 -8.64 14.78 7.63
N MET B 236 -9.48 15.02 8.64
CA MET B 236 -10.61 14.11 8.86
C MET B 236 -11.59 14.32 7.70
N LEU B 237 -11.67 15.55 7.21
CA LEU B 237 -12.55 15.93 6.10
C LEU B 237 -12.08 15.29 4.80
N LEU B 238 -10.77 15.23 4.63
CA LEU B 238 -10.20 14.64 3.44
C LEU B 238 -10.47 13.14 3.48
N ARG B 239 -10.08 12.52 4.58
CA ARG B 239 -10.23 11.08 4.76
C ARG B 239 -11.63 10.61 4.41
N ILE B 240 -12.61 11.19 5.10
CA ILE B 240 -14.00 10.84 4.91
C ILE B 240 -14.39 11.05 3.43
N ALA B 241 -13.65 11.97 2.79
CA ALA B 241 -13.87 12.34 1.39
C ALA B 241 -13.33 11.35 0.37
N ARG B 242 -12.53 10.39 0.82
CA ARG B 242 -12.00 9.39 -0.09
C ARG B 242 -12.62 8.04 0.28
N ILE B 243 -13.80 8.09 0.89
CA ILE B 243 -14.52 6.87 1.23
C ILE B 243 -15.30 6.60 -0.08
N PRO B 244 -15.04 5.44 -0.73
CA PRO B 244 -15.73 5.13 -1.99
C PRO B 244 -17.21 4.80 -1.80
#